data_3KCP
#
_entry.id   3KCP
#
_cell.length_a   169.977
_cell.length_b   58.019
_cell.length_c   56.150
_cell.angle_alpha   90.00
_cell.angle_beta   90.00
_cell.angle_gamma   90.00
#
_symmetry.space_group_name_H-M   'P 21 21 2'
#
loop_
_entity.id
_entity.type
_entity.pdbx_description
1 polymer 'Cellulosomal-scaffolding protein A'
2 polymer 'Cellulosome anchoring protein, cohesin region'
3 non-polymer 'CALCIUM ION'
4 non-polymer 'CHLORIDE ION'
5 water water
#
loop_
_entity_poly.entity_id
_entity_poly.type
_entity_poly.pdbx_seq_one_letter_code
_entity_poly.pdbx_strand_id
1 'polypeptide(L)'
;MPTITPNKLTLKIGRAEGRPGDTVEIPVNLYGVPQKGIASGDFVVSYDPNVLEIIEIEPGELIVDPNPTKSFDTAVYPDR
KMIVFLFAEDSGTGAYAITEDGVFATIVAKVKEGAPEGFSAIEISEFGAFADNDLVEVETDLINGGVLVTNKPVIEGYKV
SGYILPDFSFDATVAPLVKAGFKVEIVGTELYAVTDANGYFEITGVPANASGYTLKISRATYLDRVIANVVVTGDTSVST
SQAPIMMWVGDIVKDNSINLLDVAEVIRCFNATKGSANYVEELDINRNGAINMQDIMIVHKHFGATSSDYDAQLEHHHHH
H
;
A
2 'polypeptide(L)'
;MRGSHHHHHHTDLRADKASSIELKFDRNKGEVGDILIGTVRINNIKNFAGFQVNIVYDPKVLMAVDPETGKEFTSSTFPP
GRTVLKNNAYGPIQIADNDPEKGILNFALAYSYIAGYKETGVAEESGIIAKIGFKILQKKSTAVKFQDTLSMPGAISGTQ
LFDWDGEVITGYEVIQPDVLSLGDEPY
;
B
#
# COMPACT_ATOMS: atom_id res chain seq x y z
N LYS A 8 -55.44 6.26 10.82
CA LYS A 8 -55.77 5.49 12.07
C LYS A 8 -54.66 5.63 13.16
N LEU A 9 -55.08 5.94 14.38
CA LEU A 9 -54.13 6.19 15.53
C LEU A 9 -53.27 4.96 15.81
N THR A 10 -51.97 5.13 15.71
CA THR A 10 -50.98 4.08 15.88
C THR A 10 -49.86 4.52 16.84
N LEU A 11 -49.51 3.64 17.76
CA LEU A 11 -48.39 3.87 18.70
C LEU A 11 -47.28 2.86 18.35
N LYS A 12 -46.14 3.36 17.94
CA LYS A 12 -45.02 2.52 17.47
C LYS A 12 -43.78 2.69 18.36
N ILE A 13 -43.33 1.58 18.94
CA ILE A 13 -41.97 1.50 19.49
C ILE A 13 -41.01 1.32 18.34
N GLY A 14 -40.02 2.19 18.25
CA GLY A 14 -39.03 2.15 17.20
C GLY A 14 -37.96 1.08 17.43
N ARG A 15 -36.93 1.16 16.60
CA ARG A 15 -35.82 0.22 16.58
C ARG A 15 -34.51 0.97 16.71
N ALA A 16 -33.53 0.33 17.32
CA ALA A 16 -32.19 0.86 17.38
C ALA A 16 -31.23 -0.31 17.28
N GLU A 17 -29.95 0.00 17.11
CA GLU A 17 -28.92 -1.00 16.90
C GLU A 17 -27.68 -0.56 17.64
N GLY A 18 -27.12 -1.46 18.42
CA GLY A 18 -26.02 -1.10 19.31
C GLY A 18 -25.14 -2.30 19.55
N ARG A 19 -24.02 -2.06 20.22
CA ARG A 19 -23.13 -3.11 20.68
C ARG A 19 -23.23 -3.00 22.18
N PRO A 20 -22.84 -4.06 22.91
CA PRO A 20 -22.75 -3.94 24.36
C PRO A 20 -21.87 -2.74 24.79
N GLY A 21 -22.35 -1.96 25.75
CA GLY A 21 -21.71 -0.70 26.14
C GLY A 21 -22.20 0.56 25.43
N ASP A 22 -22.83 0.40 24.25
CA ASP A 22 -23.39 1.55 23.47
C ASP A 22 -24.62 2.15 24.13
N THR A 23 -24.81 3.45 24.00
CA THR A 23 -26.06 4.10 24.37
C THR A 23 -26.90 4.25 23.10
N VAL A 24 -28.16 3.86 23.18
CA VAL A 24 -29.03 3.79 22.04
C VAL A 24 -30.28 4.58 22.37
N GLU A 25 -30.91 5.10 21.33
CA GLU A 25 -32.15 5.86 21.49
C GLU A 25 -33.26 5.18 20.71
N ILE A 26 -34.35 4.89 21.39
CA ILE A 26 -35.44 4.17 20.80
C ILE A 26 -36.63 5.11 20.84
N PRO A 27 -37.06 5.59 19.65
CA PRO A 27 -38.17 6.54 19.56
C PRO A 27 -39.50 5.83 19.78
N VAL A 28 -40.47 6.57 20.33
CA VAL A 28 -41.84 6.09 20.49
C VAL A 28 -42.60 7.10 19.66
N ASN A 29 -43.22 6.61 18.60
CA ASN A 29 -43.91 7.45 17.64
C ASN A 29 -45.42 7.29 17.74
N LEU A 30 -46.11 8.39 17.45
CA LEU A 30 -47.53 8.36 17.22
C LEU A 30 -47.82 8.81 15.78
N TYR A 31 -48.72 8.06 15.13
CA TYR A 31 -49.19 8.31 13.76
C TYR A 31 -50.69 8.35 13.78
N GLY A 32 -51.25 9.04 12.78
CA GLY A 32 -52.69 9.16 12.60
C GLY A 32 -53.41 9.82 13.76
N VAL A 33 -52.77 10.87 14.34
CA VAL A 33 -53.33 11.55 15.52
C VAL A 33 -54.61 12.24 15.03
N PRO A 34 -55.74 12.04 15.74
CA PRO A 34 -57.01 12.68 15.29
C PRO A 34 -56.96 14.20 15.31
N GLN A 35 -57.80 14.79 14.46
CA GLN A 35 -57.98 16.26 14.33
C GLN A 35 -58.30 16.89 15.68
N LYS A 36 -59.18 16.22 16.43
CA LYS A 36 -59.55 16.62 17.77
C LYS A 36 -58.34 16.65 18.75
N GLY A 37 -57.17 16.11 18.37
CA GLY A 37 -56.01 16.02 19.29
C GLY A 37 -56.12 14.87 20.29
N ILE A 38 -55.00 14.52 20.92
CA ILE A 38 -54.97 13.51 21.99
C ILE A 38 -54.66 14.17 23.34
N ALA A 39 -55.52 13.97 24.33
CA ALA A 39 -55.36 14.67 25.61
C ALA A 39 -54.81 13.80 26.68
N SER A 40 -54.96 12.51 26.50
CA SER A 40 -54.49 11.54 27.48
C SER A 40 -54.13 10.20 26.86
N GLY A 41 -53.26 9.44 27.54
CA GLY A 41 -52.98 8.08 27.12
C GLY A 41 -52.20 7.39 28.21
N ASP A 42 -52.30 6.08 28.29
CA ASP A 42 -51.49 5.34 29.29
C ASP A 42 -51.17 3.99 28.73
N PHE A 43 -49.91 3.60 28.87
CA PHE A 43 -49.54 2.29 28.42
C PHE A 43 -48.25 1.87 29.15
N VAL A 44 -47.90 0.60 28.99
CA VAL A 44 -46.75 -0.01 29.70
C VAL A 44 -45.94 -0.70 28.62
N VAL A 45 -44.62 -0.47 28.68
CA VAL A 45 -43.69 -1.11 27.81
C VAL A 45 -42.90 -2.12 28.64
N SER A 46 -42.61 -3.28 28.07
CA SER A 46 -41.75 -4.22 28.75
C SER A 46 -40.43 -4.31 27.97
N TYR A 47 -39.34 -4.59 28.68
CA TYR A 47 -38.05 -4.68 28.03
C TYR A 47 -37.25 -5.77 28.75
N ASP A 48 -36.05 -6.01 28.25
CA ASP A 48 -35.15 -7.01 28.87
C ASP A 48 -34.00 -6.28 29.54
N PRO A 49 -34.05 -6.23 30.87
CA PRO A 49 -33.07 -5.49 31.64
C PRO A 49 -31.73 -6.24 31.75
N ASN A 50 -31.68 -7.45 31.20
CA ASN A 50 -30.43 -8.16 30.93
C ASN A 50 -29.67 -7.49 29.81
N VAL A 51 -30.42 -6.99 28.82
CA VAL A 51 -29.82 -6.33 27.65
C VAL A 51 -29.69 -4.81 27.90
N LEU A 52 -30.76 -4.18 28.40
CA LEU A 52 -30.82 -2.71 28.47
C LEU A 52 -30.94 -2.12 29.86
N GLU A 53 -30.14 -1.09 30.12
CA GLU A 53 -30.36 -0.26 31.28
C GLU A 53 -31.02 1.03 30.80
N ILE A 54 -32.25 1.29 31.23
CA ILE A 54 -32.90 2.54 30.84
C ILE A 54 -32.24 3.67 31.63
N ILE A 55 -31.81 4.67 30.89
CA ILE A 55 -31.16 5.84 31.46
C ILE A 55 -32.21 6.91 31.74
N GLU A 56 -32.98 7.29 30.71
CA GLU A 56 -34.12 8.15 30.93
C GLU A 56 -35.06 8.10 29.74
N ILE A 57 -36.28 8.60 29.92
CA ILE A 57 -37.21 8.68 28.78
C ILE A 57 -37.44 10.17 28.59
N GLU A 58 -37.04 10.67 27.43
CA GLU A 58 -37.17 12.09 27.12
C GLU A 58 -38.56 12.34 26.52
N PRO A 59 -39.25 13.40 26.98
CA PRO A 59 -40.49 13.73 26.28
C PRO A 59 -40.16 14.13 24.84
N GLY A 60 -40.96 13.64 23.90
CA GLY A 60 -40.76 13.98 22.52
C GLY A 60 -41.29 15.34 22.11
N GLU A 61 -41.03 15.67 20.86
CA GLU A 61 -41.43 16.92 20.23
C GLU A 61 -42.96 17.13 20.35
N LEU A 62 -43.72 16.04 20.38
CA LEU A 62 -45.17 16.10 20.55
C LEU A 62 -45.63 16.62 21.93
N ILE A 63 -44.72 16.69 22.90
CA ILE A 63 -45.04 17.09 24.26
C ILE A 63 -44.80 18.57 24.37
N VAL A 64 -45.89 19.32 24.39
CA VAL A 64 -45.82 20.81 24.20
C VAL A 64 -46.01 21.61 25.49
N ASP A 65 -46.25 20.90 26.59
CA ASP A 65 -46.27 21.50 27.89
C ASP A 65 -44.88 22.12 28.15
N PRO A 66 -44.84 23.47 28.41
CA PRO A 66 -43.54 24.09 28.81
C PRO A 66 -42.84 23.42 30.00
N ASN A 67 -43.59 22.83 30.92
CA ASN A 67 -43.06 21.93 31.94
C ASN A 67 -43.54 20.53 31.53
N PRO A 68 -42.79 19.83 30.67
CA PRO A 68 -43.30 18.59 30.05
C PRO A 68 -43.70 17.52 31.07
N THR A 69 -42.98 17.50 32.19
CA THR A 69 -43.18 16.55 33.27
C THR A 69 -44.57 16.67 33.87
N LYS A 70 -45.18 17.85 33.75
CA LYS A 70 -46.56 18.06 34.24
C LYS A 70 -47.62 17.30 33.41
N SER A 71 -47.30 17.07 32.12
CA SER A 71 -48.20 16.37 31.17
C SER A 71 -47.76 14.95 30.84
N PHE A 72 -46.46 14.70 30.95
CA PHE A 72 -45.84 13.46 30.49
C PHE A 72 -44.89 12.93 31.58
N ASP A 73 -45.20 11.76 32.12
CA ASP A 73 -44.19 11.08 32.94
C ASP A 73 -44.18 9.58 32.73
N THR A 74 -43.03 9.02 33.07
CA THR A 74 -42.71 7.63 32.91
C THR A 74 -42.23 7.16 34.28
N ALA A 75 -42.34 5.87 34.49
CA ALA A 75 -41.83 5.27 35.69
C ALA A 75 -41.14 4.01 35.24
N VAL A 76 -39.82 3.97 35.45
CA VAL A 76 -39.03 2.81 35.07
C VAL A 76 -38.89 1.88 36.27
N TYR A 77 -39.24 0.60 36.07
CA TYR A 77 -39.19 -0.42 37.12
C TYR A 77 -38.37 -1.59 36.61
N PRO A 78 -37.01 -1.50 36.74
CA PRO A 78 -36.13 -2.55 36.20
C PRO A 78 -36.45 -3.96 36.74
N ASP A 79 -36.80 -4.05 38.02
CA ASP A 79 -37.15 -5.35 38.64
C ASP A 79 -38.44 -5.95 38.07
N ARG A 80 -39.33 -5.08 37.61
CA ARG A 80 -40.59 -5.48 36.98
C ARG A 80 -40.44 -5.60 35.46
N LYS A 81 -39.28 -5.19 34.95
CA LYS A 81 -39.02 -5.24 33.50
C LYS A 81 -40.03 -4.36 32.72
N MET A 82 -40.38 -3.22 33.30
CA MET A 82 -41.48 -2.39 32.77
C MET A 82 -41.23 -0.91 32.84
N ILE A 83 -41.72 -0.22 31.81
CA ILE A 83 -41.76 1.22 31.87
C ILE A 83 -43.19 1.68 31.72
N VAL A 84 -43.70 2.41 32.70
CA VAL A 84 -45.08 2.94 32.69
C VAL A 84 -45.12 4.36 32.04
N PHE A 85 -45.89 4.54 30.94
CA PHE A 85 -45.96 5.84 30.29
C PHE A 85 -47.34 6.43 30.65
N LEU A 86 -47.39 7.69 31.10
CA LEU A 86 -48.67 8.31 31.37
C LEU A 86 -48.62 9.67 30.71
N PHE A 87 -49.66 9.99 29.96
CA PHE A 87 -49.79 11.28 29.34
C PHE A 87 -51.18 11.83 29.75
N ALA A 88 -51.20 13.08 30.20
CA ALA A 88 -52.46 13.77 30.44
C ALA A 88 -52.19 15.27 30.26
N GLU A 89 -52.64 15.85 29.17
CA GLU A 89 -52.45 17.29 28.84
C GLU A 89 -52.74 18.12 30.10
N ASP A 90 -51.75 18.85 30.62
CA ASP A 90 -51.90 19.34 32.00
C ASP A 90 -52.64 20.68 32.11
N SER A 91 -53.02 21.25 30.97
CA SER A 91 -53.49 22.63 30.95
C SER A 91 -54.90 22.69 31.45
N GLY A 92 -55.65 21.62 31.19
CA GLY A 92 -57.04 21.51 31.64
C GLY A 92 -58.01 22.07 30.63
N THR A 93 -57.50 22.55 29.49
CA THR A 93 -58.34 23.19 28.50
C THR A 93 -58.07 22.65 27.10
N GLY A 94 -57.19 21.64 26.99
CA GLY A 94 -56.84 21.09 25.70
C GLY A 94 -55.62 21.67 25.08
N ALA A 95 -54.99 22.65 25.74
CA ALA A 95 -53.89 23.44 25.16
C ALA A 95 -52.62 22.62 24.88
N TYR A 96 -52.40 21.58 25.68
CA TYR A 96 -51.19 20.81 25.53
C TYR A 96 -51.53 19.44 25.01
N ALA A 97 -52.70 19.29 24.39
CA ALA A 97 -53.08 18.06 23.70
C ALA A 97 -52.16 17.79 22.51
N ILE A 98 -51.92 16.51 22.23
CA ILE A 98 -51.10 16.15 21.06
C ILE A 98 -51.96 16.32 19.81
N THR A 99 -51.48 17.12 18.86
CA THR A 99 -52.26 17.55 17.67
C THR A 99 -51.66 17.12 16.34
N GLU A 100 -50.42 16.61 16.40
CA GLU A 100 -49.69 16.22 15.21
C GLU A 100 -49.05 14.86 15.43
N ASP A 101 -48.85 14.12 14.33
CA ASP A 101 -48.00 12.94 14.31
C ASP A 101 -46.53 13.30 14.58
N GLY A 102 -45.81 12.35 15.19
CA GLY A 102 -44.38 12.53 15.49
C GLY A 102 -43.84 11.72 16.67
N VAL A 103 -42.69 12.15 17.18
CA VAL A 103 -42.04 11.48 18.33
C VAL A 103 -42.73 11.89 19.64
N PHE A 104 -43.35 10.90 20.27
CA PHE A 104 -44.05 11.07 21.55
C PHE A 104 -43.00 11.05 22.66
N ALA A 105 -41.99 10.18 22.52
CA ALA A 105 -40.98 10.08 23.59
C ALA A 105 -39.74 9.37 23.03
N THR A 106 -38.60 9.55 23.69
CA THR A 106 -37.39 8.82 23.31
C THR A 106 -36.85 8.03 24.50
N ILE A 107 -36.82 6.72 24.35
CA ILE A 107 -36.18 5.86 25.35
C ILE A 107 -34.67 5.88 25.11
N VAL A 108 -33.94 6.41 26.10
CA VAL A 108 -32.45 6.42 26.09
C VAL A 108 -32.01 5.28 26.95
N ALA A 109 -31.28 4.36 26.35
CA ALA A 109 -30.90 3.13 27.05
C ALA A 109 -29.43 2.82 26.77
N LYS A 110 -28.75 2.27 27.75
CA LYS A 110 -27.40 1.75 27.59
C LYS A 110 -27.52 0.23 27.38
N VAL A 111 -26.94 -0.29 26.31
CA VAL A 111 -26.81 -1.74 26.15
C VAL A 111 -25.75 -2.17 27.17
N LYS A 112 -26.07 -3.18 27.98
CA LYS A 112 -25.21 -3.58 29.12
C LYS A 112 -23.92 -4.29 28.69
N GLU A 113 -22.86 -4.09 29.49
CA GLU A 113 -21.48 -4.45 29.12
C GLU A 113 -21.29 -5.90 28.62
N GLY A 114 -21.94 -6.86 29.25
CA GLY A 114 -21.88 -8.23 28.76
C GLY A 114 -23.29 -8.77 28.57
N ALA A 115 -24.05 -8.07 27.73
CA ALA A 115 -25.41 -8.44 27.44
C ALA A 115 -25.44 -9.42 26.27
N PRO A 116 -26.39 -10.36 26.28
CA PRO A 116 -26.51 -11.25 25.14
C PRO A 116 -26.77 -10.43 23.89
N GLU A 117 -26.34 -10.95 22.75
CA GLU A 117 -26.64 -10.38 21.46
C GLU A 117 -27.97 -10.90 20.90
N GLY A 118 -28.36 -10.34 19.76
CA GLY A 118 -29.69 -10.60 19.21
C GLY A 118 -30.61 -9.40 19.41
N PHE A 119 -31.76 -9.46 18.75
CA PHE A 119 -32.83 -8.47 18.87
C PHE A 119 -33.50 -8.54 20.22
N SER A 120 -33.43 -7.46 20.99
CA SER A 120 -34.07 -7.38 22.30
C SER A 120 -35.35 -6.56 22.18
N ALA A 121 -36.50 -7.25 22.26
CA ALA A 121 -37.79 -6.62 22.03
C ALA A 121 -38.16 -5.63 23.15
N ILE A 122 -38.72 -4.52 22.72
CA ILE A 122 -39.35 -3.56 23.58
C ILE A 122 -40.82 -3.54 23.10
N GLU A 123 -41.72 -3.99 23.96
CA GLU A 123 -43.10 -4.29 23.61
C GLU A 123 -44.07 -3.50 24.45
N ILE A 124 -45.13 -3.01 23.82
CA ILE A 124 -46.25 -2.43 24.57
C ILE A 124 -47.00 -3.61 25.17
N SER A 125 -46.80 -3.83 26.46
CA SER A 125 -47.30 -5.02 27.11
C SER A 125 -48.68 -4.79 27.73
N GLU A 126 -49.02 -3.53 27.96
CA GLU A 126 -50.31 -3.15 28.54
C GLU A 126 -50.66 -1.81 27.90
N PHE A 127 -51.93 -1.69 27.51
CA PHE A 127 -52.40 -0.48 26.87
C PHE A 127 -53.74 -0.13 27.51
N GLY A 128 -53.85 1.12 27.95
CA GLY A 128 -55.09 1.58 28.54
C GLY A 128 -55.94 2.15 27.40
N ALA A 129 -55.77 3.45 27.17
CA ALA A 129 -56.45 4.11 26.07
C ALA A 129 -55.78 5.44 25.75
N PHE A 130 -55.96 5.87 24.51
CA PHE A 130 -55.75 7.24 24.13
C PHE A 130 -57.14 7.85 24.06
N ALA A 131 -57.28 9.08 24.55
CA ALA A 131 -58.56 9.76 24.54
C ALA A 131 -58.35 11.16 24.05
N ASP A 132 -59.28 11.67 23.25
CA ASP A 132 -59.13 13.01 22.76
C ASP A 132 -59.53 14.06 23.81
N ASN A 133 -59.50 15.34 23.43
CA ASN A 133 -59.84 16.47 24.32
C ASN A 133 -61.25 16.40 24.95
N ASP A 134 -62.14 15.60 24.35
CA ASP A 134 -63.53 15.45 24.80
C ASP A 134 -63.69 14.16 25.56
N LEU A 135 -62.54 13.52 25.85
CA LEU A 135 -62.46 12.28 26.61
C LEU A 135 -63.00 11.06 25.86
N VAL A 136 -63.22 11.23 24.57
CA VAL A 136 -63.62 10.15 23.70
C VAL A 136 -62.38 9.30 23.32
N GLU A 137 -62.44 8.00 23.66
CA GLU A 137 -61.41 7.04 23.34
C GLU A 137 -61.28 6.87 21.85
N VAL A 138 -60.02 6.84 21.46
CA VAL A 138 -59.59 6.69 20.10
C VAL A 138 -59.01 5.29 20.00
N GLU A 139 -59.45 4.58 18.98
CA GLU A 139 -59.11 3.20 18.72
C GLU A 139 -57.66 3.24 18.20
N THR A 140 -56.78 2.42 18.75
CA THR A 140 -55.36 2.56 18.36
C THR A 140 -54.58 1.25 18.12
N ASP A 141 -53.75 1.29 17.08
CA ASP A 141 -52.91 0.17 16.70
C ASP A 141 -51.56 0.25 17.42
N LEU A 142 -51.06 -0.91 17.83
CA LEU A 142 -49.79 -1.03 18.56
C LEU A 142 -48.78 -1.76 17.69
N ILE A 143 -47.56 -1.18 17.65
CA ILE A 143 -46.40 -1.75 16.97
C ILE A 143 -45.21 -1.81 17.94
N ASN A 144 -44.77 -3.03 18.22
CA ASN A 144 -43.58 -3.29 19.02
C ASN A 144 -42.26 -2.97 18.27
N GLY A 145 -41.18 -2.84 19.05
CA GLY A 145 -39.88 -2.49 18.53
C GLY A 145 -38.79 -3.15 19.38
N GLY A 146 -37.64 -2.49 19.47
CA GLY A 146 -36.57 -3.14 20.22
C GLY A 146 -35.24 -2.67 19.71
N VAL A 147 -34.19 -3.33 20.19
CA VAL A 147 -32.81 -2.94 19.92
C VAL A 147 -32.09 -4.20 19.37
N LEU A 148 -31.49 -4.06 18.18
CA LEU A 148 -30.66 -5.14 17.56
C LEU A 148 -29.26 -5.02 18.11
N VAL A 149 -28.95 -5.90 19.06
CA VAL A 149 -27.67 -5.93 19.70
C VAL A 149 -26.76 -6.95 18.98
N THR A 150 -25.75 -6.42 18.30
CA THR A 150 -24.72 -7.26 17.66
C THR A 150 -23.35 -6.80 18.13
N ASN A 151 -22.31 -7.42 17.59
CA ASN A 151 -20.97 -6.91 17.85
C ASN A 151 -20.30 -6.39 16.56
N LYS A 152 -21.11 -6.08 15.55
CA LYS A 152 -20.57 -5.57 14.31
C LYS A 152 -20.41 -4.05 14.43
N PRO A 153 -19.16 -3.55 14.28
CA PRO A 153 -18.85 -2.10 14.34
C PRO A 153 -19.53 -1.29 13.23
N VAL A 154 -19.95 -0.07 13.56
CA VAL A 154 -20.50 0.83 12.54
C VAL A 154 -19.68 2.09 12.55
N ILE A 155 -19.14 2.43 11.39
CA ILE A 155 -18.30 3.62 11.29
C ILE A 155 -19.16 4.60 10.51
N GLU A 156 -19.23 5.83 11.02
CA GLU A 156 -19.78 6.93 10.27
C GLU A 156 -18.73 7.41 9.27
N GLY A 157 -19.21 7.81 8.11
CA GLY A 157 -18.35 8.25 7.07
C GLY A 157 -17.96 7.03 6.28
N TYR A 158 -17.10 7.27 5.31
CA TYR A 158 -16.96 6.32 4.24
C TYR A 158 -15.55 5.75 4.22
N LYS A 159 -15.42 4.64 3.49
CA LYS A 159 -14.20 3.88 3.34
C LYS A 159 -13.65 4.19 1.96
N VAL A 160 -12.38 4.61 1.94
CA VAL A 160 -11.61 4.88 0.73
C VAL A 160 -10.51 3.79 0.72
N SER A 161 -10.46 3.00 -0.33
CA SER A 161 -9.60 1.80 -0.29
C SER A 161 -9.05 1.53 -1.65
N GLY A 162 -8.08 0.62 -1.73
CA GLY A 162 -7.54 0.32 -3.02
C GLY A 162 -6.28 -0.53 -2.91
N TYR A 163 -5.61 -0.66 -4.04
CA TYR A 163 -4.42 -1.51 -4.15
C TYR A 163 -3.35 -0.72 -4.83
N ILE A 164 -2.14 -1.00 -4.42
CA ILE A 164 -0.96 -0.32 -4.89
C ILE A 164 0.05 -1.43 -5.20
N LEU A 165 0.90 -1.23 -6.20
CA LEU A 165 1.88 -2.24 -6.56
C LEU A 165 3.15 -1.53 -7.00
N PRO A 166 4.31 -1.93 -6.48
CA PRO A 166 5.58 -1.38 -7.03
C PRO A 166 5.82 -1.84 -8.47
N ASP A 167 6.41 -0.99 -9.31
CA ASP A 167 6.68 -1.40 -10.68
C ASP A 167 8.09 -2.02 -10.87
N PHE A 168 8.22 -3.27 -10.44
CA PHE A 168 9.38 -4.09 -10.78
C PHE A 168 9.10 -5.56 -10.57
N SER A 169 10.05 -6.45 -10.91
CA SER A 169 9.79 -7.87 -10.77
C SER A 169 10.25 -8.37 -9.43
N PHE A 170 9.45 -9.21 -8.80
CA PHE A 170 9.83 -9.81 -7.50
C PHE A 170 9.03 -11.10 -7.34
N ASP A 171 9.50 -11.97 -6.45
CA ASP A 171 8.76 -13.20 -6.20
C ASP A 171 8.12 -13.20 -4.80
N ALA A 172 7.45 -14.32 -4.48
CA ALA A 172 6.79 -14.57 -3.19
C ALA A 172 7.70 -14.41 -1.97
N THR A 173 8.99 -14.64 -2.09
CA THR A 173 9.79 -14.48 -0.86
C THR A 173 9.85 -13.03 -0.40
N VAL A 174 9.60 -12.10 -1.32
CA VAL A 174 9.73 -10.70 -0.93
C VAL A 174 8.44 -9.90 -1.16
N ALA A 175 7.47 -10.46 -1.89
CA ALA A 175 6.22 -9.71 -2.15
C ALA A 175 5.65 -9.00 -0.89
N PRO A 176 5.60 -9.70 0.28
CA PRO A 176 5.08 -9.02 1.45
C PRO A 176 5.85 -7.78 1.84
N LEU A 177 7.18 -7.79 1.71
CA LEU A 177 8.07 -6.62 1.99
C LEU A 177 7.88 -5.46 1.04
N VAL A 178 7.78 -5.73 -0.26
CA VAL A 178 7.76 -4.66 -1.24
C VAL A 178 6.35 -4.09 -1.43
N LYS A 179 5.33 -4.91 -1.16
CA LYS A 179 3.94 -4.45 -1.27
C LYS A 179 3.49 -3.66 -0.05
N ALA A 180 4.02 -3.99 1.10
CA ALA A 180 3.61 -3.33 2.31
C ALA A 180 4.33 -1.98 2.47
N GLY A 181 3.72 -1.01 3.17
CA GLY A 181 4.44 0.19 3.69
C GLY A 181 4.24 1.48 2.89
N PHE A 182 3.39 1.43 1.87
CA PHE A 182 3.01 2.67 1.18
C PHE A 182 2.01 3.42 2.06
N LYS A 183 2.28 4.69 2.33
CA LYS A 183 1.37 5.51 3.09
C LYS A 183 0.44 6.21 2.11
N VAL A 184 -0.88 6.15 2.35
CA VAL A 184 -1.80 6.90 1.50
C VAL A 184 -2.46 7.89 2.43
N GLU A 185 -2.39 9.17 2.08
CA GLU A 185 -2.78 10.28 2.96
C GLU A 185 -3.89 11.00 2.23
N ILE A 186 -4.92 11.39 2.97
CA ILE A 186 -5.91 12.33 2.43
C ILE A 186 -5.44 13.73 2.79
N VAL A 187 -5.06 14.47 1.77
CA VAL A 187 -4.37 15.77 1.92
C VAL A 187 -5.32 16.73 2.64
N GLY A 188 -4.77 17.51 3.58
CA GLY A 188 -5.57 18.48 4.34
C GLY A 188 -6.41 17.87 5.43
N THR A 189 -6.18 16.58 5.71
CA THR A 189 -6.75 15.89 6.86
C THR A 189 -5.64 15.09 7.58
N GLU A 190 -5.98 14.50 8.72
CA GLU A 190 -5.06 13.61 9.44
C GLU A 190 -5.33 12.12 9.09
N LEU A 191 -6.10 11.91 8.02
CA LEU A 191 -6.54 10.57 7.66
C LEU A 191 -5.55 9.91 6.72
N TYR A 192 -5.24 8.66 7.01
CA TYR A 192 -4.24 7.96 6.23
C TYR A 192 -4.41 6.46 6.41
N ALA A 193 -3.73 5.68 5.56
CA ALA A 193 -3.62 4.23 5.69
C ALA A 193 -2.24 3.82 5.18
N VAL A 194 -1.83 2.62 5.55
CA VAL A 194 -0.53 2.05 5.10
C VAL A 194 -0.84 0.72 4.45
N THR A 195 -0.25 0.46 3.30
CA THR A 195 -0.61 -0.77 2.60
C THR A 195 -0.13 -1.96 3.40
N ASP A 196 -0.89 -3.04 3.30
CA ASP A 196 -0.50 -4.31 3.93
C ASP A 196 0.36 -5.14 2.99
N ALA A 197 0.67 -6.38 3.38
CA ALA A 197 1.47 -7.32 2.57
C ALA A 197 0.89 -7.64 1.19
N ASN A 198 -0.41 -7.41 1.01
CA ASN A 198 -1.02 -7.57 -0.31
C ASN A 198 -1.11 -6.30 -1.16
N GLY A 199 -0.58 -5.20 -0.64
CA GLY A 199 -0.62 -3.90 -1.34
C GLY A 199 -1.96 -3.23 -1.10
N TYR A 200 -2.75 -3.77 -0.21
CA TYR A 200 -4.12 -3.22 0.08
C TYR A 200 -4.09 -2.13 1.19
N PHE A 201 -4.89 -1.08 1.05
CA PHE A 201 -5.08 -0.06 2.09
C PHE A 201 -6.58 0.27 2.18
N GLU A 202 -7.02 0.71 3.34
CA GLU A 202 -8.36 1.28 3.49
C GLU A 202 -8.32 2.30 4.57
N ILE A 203 -8.93 3.45 4.29
CA ILE A 203 -9.08 4.51 5.28
C ILE A 203 -10.59 4.57 5.56
N THR A 204 -11.01 4.39 6.81
CA THR A 204 -12.44 4.49 7.18
C THR A 204 -12.77 5.83 7.86
N GLY A 205 -14.08 6.13 7.99
CA GLY A 205 -14.49 7.38 8.61
C GLY A 205 -14.11 8.60 7.80
N VAL A 206 -14.12 8.48 6.49
CA VAL A 206 -13.78 9.60 5.64
C VAL A 206 -15.07 10.43 5.43
N PRO A 207 -15.04 11.74 5.75
CA PRO A 207 -16.24 12.56 5.54
C PRO A 207 -16.64 12.66 4.09
N ALA A 208 -17.97 12.74 3.88
CA ALA A 208 -18.49 12.99 2.56
C ALA A 208 -17.84 14.25 1.96
N ASN A 209 -17.43 14.14 0.70
CA ASN A 209 -16.87 15.26 -0.03
C ASN A 209 -16.95 15.04 -1.55
N ALA A 210 -17.98 15.61 -2.18
CA ALA A 210 -18.19 15.45 -3.64
C ALA A 210 -17.34 16.41 -4.47
N SER A 211 -16.78 17.43 -3.82
CA SER A 211 -15.77 18.33 -4.42
C SER A 211 -14.47 17.60 -4.70
N GLY A 212 -14.18 16.55 -3.93
CA GLY A 212 -13.04 15.66 -4.19
C GLY A 212 -11.87 15.86 -3.26
N TYR A 213 -11.28 14.74 -2.87
CA TYR A 213 -10.05 14.72 -2.08
C TYR A 213 -8.83 14.52 -2.98
N THR A 214 -7.69 14.98 -2.50
CA THR A 214 -6.42 14.57 -3.10
C THR A 214 -5.77 13.52 -2.20
N LEU A 215 -5.30 12.44 -2.81
CA LEU A 215 -4.58 11.41 -2.08
C LEU A 215 -3.10 11.52 -2.42
N LYS A 216 -2.25 11.43 -1.42
CA LYS A 216 -0.83 11.43 -1.63
C LYS A 216 -0.30 10.06 -1.19
N ILE A 217 0.34 9.37 -2.13
CA ILE A 217 0.93 8.05 -1.84
C ILE A 217 2.42 8.23 -1.71
N SER A 218 2.98 7.82 -0.60
CA SER A 218 4.41 8.07 -0.41
C SER A 218 5.09 6.83 0.20
N ARG A 219 6.36 6.59 -0.12
CA ARG A 219 7.12 5.65 0.65
C ARG A 219 8.63 5.99 0.46
N ALA A 220 9.46 5.85 1.49
CA ALA A 220 10.93 6.00 1.36
C ALA A 220 11.42 5.31 0.05
N THR A 221 12.17 6.06 -0.78
CA THR A 221 12.78 5.58 -2.06
C THR A 221 11.82 5.60 -3.27
N TYR A 222 10.53 5.85 -3.01
CA TYR A 222 9.57 5.90 -4.12
C TYR A 222 9.25 7.35 -4.50
N LEU A 223 8.88 7.51 -5.76
CA LEU A 223 8.49 8.79 -6.24
C LEU A 223 7.04 9.02 -5.74
N ASP A 224 6.84 10.07 -4.94
CA ASP A 224 5.47 10.44 -4.44
C ASP A 224 4.47 10.42 -5.61
N ARG A 225 3.28 9.88 -5.34
CA ARG A 225 2.22 9.92 -6.36
C ARG A 225 1.04 10.72 -5.78
N VAL A 226 0.46 11.58 -6.60
CA VAL A 226 -0.70 12.35 -6.17
C VAL A 226 -1.87 12.01 -7.06
N ILE A 227 -2.96 11.63 -6.42
CA ILE A 227 -4.20 11.30 -7.11
C ILE A 227 -5.23 12.36 -6.68
N ALA A 228 -5.59 13.20 -7.62
CA ALA A 228 -6.51 14.32 -7.35
C ALA A 228 -7.96 13.92 -7.67
N ASN A 229 -8.89 14.77 -7.27
CA ASN A 229 -10.31 14.59 -7.65
C ASN A 229 -10.89 13.23 -7.26
N VAL A 230 -10.56 12.75 -6.06
CA VAL A 230 -11.18 11.50 -5.55
C VAL A 230 -12.53 11.86 -4.85
N VAL A 231 -13.63 11.60 -5.56
CA VAL A 231 -14.96 12.01 -5.10
C VAL A 231 -15.47 11.00 -4.10
N VAL A 232 -15.86 11.51 -2.92
CA VAL A 232 -16.42 10.64 -1.88
C VAL A 232 -17.91 11.04 -1.63
N THR A 233 -18.82 10.27 -2.21
CA THR A 233 -20.25 10.37 -1.92
C THR A 233 -20.67 9.05 -1.31
N GLY A 234 -19.71 8.12 -1.20
CA GLY A 234 -19.93 6.79 -0.60
C GLY A 234 -18.60 6.07 -0.40
N ASP A 235 -18.64 4.81 0.03
CA ASP A 235 -17.46 3.93 -0.03
C ASP A 235 -16.82 4.01 -1.44
N THR A 236 -15.51 4.30 -1.50
CA THR A 236 -14.84 4.65 -2.75
C THR A 236 -13.60 3.75 -2.91
N SER A 237 -13.55 2.97 -3.99
CA SER A 237 -12.38 2.13 -4.29
C SER A 237 -11.64 2.89 -5.37
N VAL A 238 -10.37 3.20 -5.14
CA VAL A 238 -9.61 3.97 -6.14
C VAL A 238 -8.85 3.09 -7.16
N SER A 239 -8.83 1.78 -6.92
CA SER A 239 -8.11 0.78 -7.72
C SER A 239 -8.45 -0.62 -7.21
N THR A 240 -8.08 -1.62 -8.02
CA THR A 240 -8.36 -3.01 -7.78
C THR A 240 -7.04 -3.76 -7.79
N SER A 241 -7.04 -4.97 -7.24
CA SER A 241 -5.86 -5.80 -7.19
C SER A 241 -5.37 -6.20 -8.57
N GLN A 242 -6.27 -6.26 -9.55
CA GLN A 242 -5.91 -6.57 -10.95
C GLN A 242 -5.41 -5.37 -11.73
N ALA A 243 -5.80 -4.18 -11.31
CA ALA A 243 -5.36 -2.94 -11.95
C ALA A 243 -4.95 -1.94 -10.87
N PRO A 244 -3.86 -2.27 -10.13
CA PRO A 244 -3.45 -1.46 -8.98
C PRO A 244 -2.86 -0.11 -9.33
N ILE A 245 -2.78 0.78 -8.34
CA ILE A 245 -2.07 2.03 -8.54
C ILE A 245 -0.54 1.67 -8.57
N MET A 246 0.15 1.98 -9.66
CA MET A 246 1.58 1.64 -9.79
C MET A 246 2.37 2.72 -9.09
N MET A 247 3.51 2.33 -8.50
CA MET A 247 4.37 3.23 -7.78
C MET A 247 5.77 2.92 -8.33
N TRP A 248 6.52 3.98 -8.56
CA TRP A 248 7.84 3.86 -9.22
C TRP A 248 8.96 4.06 -8.19
N VAL A 249 9.90 3.12 -8.12
CA VAL A 249 10.93 3.24 -7.09
C VAL A 249 12.13 4.00 -7.72
N GLY A 250 12.93 4.67 -6.91
CA GLY A 250 14.08 5.35 -7.46
C GLY A 250 14.26 6.78 -7.03
N ASP A 251 13.25 7.35 -6.36
CA ASP A 251 13.42 8.62 -5.67
C ASP A 251 14.04 8.48 -4.29
N ILE A 252 15.33 8.14 -4.31
CA ILE A 252 16.12 7.83 -3.14
C ILE A 252 16.69 9.12 -2.51
N VAL A 253 17.23 10.00 -3.34
CA VAL A 253 17.57 11.35 -2.87
C VAL A 253 16.28 12.11 -3.27
N LYS A 254 15.52 12.47 -2.24
CA LYS A 254 14.14 12.95 -2.37
C LYS A 254 14.02 14.32 -2.96
N ASP A 255 13.73 14.39 -4.27
CA ASP A 255 13.56 15.65 -5.00
C ASP A 255 12.46 15.50 -5.99
N ASN A 256 11.63 14.49 -5.74
CA ASN A 256 10.57 14.09 -6.64
C ASN A 256 10.99 13.98 -8.09
N SER A 257 12.17 13.37 -8.27
CA SER A 257 12.72 13.10 -9.55
C SER A 257 13.67 11.90 -9.45
N ILE A 258 13.59 11.07 -10.46
CA ILE A 258 14.50 9.92 -10.54
C ILE A 258 15.62 10.37 -11.49
N ASN A 259 16.79 10.57 -10.88
CA ASN A 259 17.93 11.09 -11.64
C ASN A 259 19.23 10.49 -11.18
N LEU A 260 20.34 11.12 -11.57
CA LEU A 260 21.64 10.48 -11.34
C LEU A 260 22.01 10.49 -9.89
N LEU A 261 21.54 11.47 -9.09
CA LEU A 261 21.88 11.44 -7.67
C LEU A 261 21.27 10.20 -6.97
N ASP A 262 20.13 9.76 -7.48
CA ASP A 262 19.45 8.54 -6.92
C ASP A 262 20.31 7.32 -7.23
N VAL A 263 20.70 7.19 -8.49
CA VAL A 263 21.59 6.06 -8.92
C VAL A 263 22.94 6.10 -8.15
N ALA A 264 23.51 7.31 -7.99
CA ALA A 264 24.78 7.52 -7.26
C ALA A 264 24.71 6.99 -5.86
N GLU A 265 23.54 7.14 -5.21
CA GLU A 265 23.35 6.60 -3.86
C GLU A 265 23.34 5.10 -3.81
N VAL A 266 22.72 4.45 -4.82
CA VAL A 266 22.81 2.98 -4.91
C VAL A 266 24.29 2.51 -5.13
N ILE A 267 25.00 3.15 -6.07
CA ILE A 267 26.44 2.87 -6.31
C ILE A 267 27.34 2.92 -5.03
N ARG A 268 27.02 3.79 -4.08
CA ARG A 268 27.78 3.89 -2.82
C ARG A 268 27.68 2.61 -2.02
N CYS A 269 26.67 1.81 -2.33
CA CYS A 269 26.51 0.51 -1.71
C CYS A 269 26.66 -0.61 -2.67
N PHE A 270 27.27 -0.33 -3.81
CA PHE A 270 27.37 -1.34 -4.85
C PHE A 270 28.01 -2.63 -4.37
N ASN A 271 27.37 -3.74 -4.76
CA ASN A 271 27.72 -5.11 -4.33
C ASN A 271 27.64 -5.44 -2.83
N ALA A 272 27.05 -4.56 -2.02
CA ALA A 272 26.84 -4.88 -0.61
C ALA A 272 25.83 -6.03 -0.55
N THR A 273 25.95 -6.89 0.47
CA THR A 273 25.06 -8.04 0.63
C THR A 273 24.48 -7.99 2.05
N LYS A 274 23.29 -8.56 2.25
CA LYS A 274 22.55 -8.41 3.53
C LYS A 274 23.47 -8.91 4.64
N GLY A 275 23.62 -8.12 5.69
CA GLY A 275 24.52 -8.47 6.75
C GLY A 275 25.90 -7.79 6.72
N SER A 276 26.23 -7.11 5.61
CA SER A 276 27.56 -6.49 5.45
C SER A 276 27.49 -5.04 5.84
N ALA A 277 28.66 -4.40 6.05
CA ALA A 277 28.75 -3.02 6.55
C ALA A 277 27.96 -2.02 5.72
N ASN A 278 28.09 -2.15 4.41
CA ASN A 278 27.58 -1.16 3.49
C ASN A 278 26.20 -1.52 2.97
N TYR A 279 25.61 -2.59 3.48
CA TYR A 279 24.26 -2.94 3.01
C TYR A 279 23.21 -1.98 3.63
N VAL A 280 22.40 -1.37 2.78
CA VAL A 280 21.32 -0.49 3.20
C VAL A 280 20.08 -1.12 2.59
N GLU A 281 19.19 -1.67 3.41
CA GLU A 281 18.06 -2.44 2.90
C GLU A 281 17.22 -1.69 1.83
N GLU A 282 17.00 -0.39 2.03
CA GLU A 282 16.24 0.47 1.06
C GLU A 282 16.84 0.52 -0.35
N LEU A 283 18.17 0.47 -0.40
CA LEU A 283 18.93 0.46 -1.65
C LEU A 283 18.93 -0.90 -2.34
N ASP A 284 18.59 -1.95 -1.58
CA ASP A 284 18.35 -3.25 -2.16
C ASP A 284 16.93 -3.25 -2.72
N ILE A 285 16.79 -2.63 -3.89
CA ILE A 285 15.48 -2.34 -4.51
C ILE A 285 14.57 -3.54 -4.54
N ASN A 286 15.05 -4.62 -5.13
CA ASN A 286 14.28 -5.86 -5.21
C ASN A 286 14.34 -6.77 -4.00
N ARG A 287 14.97 -6.31 -2.90
CA ARG A 287 15.14 -7.11 -1.62
C ARG A 287 15.67 -8.51 -1.74
N ASN A 288 16.48 -8.78 -2.75
CA ASN A 288 17.03 -10.12 -2.90
C ASN A 288 18.28 -10.43 -2.06
N GLY A 289 18.72 -9.46 -1.26
CA GLY A 289 19.82 -9.66 -0.34
C GLY A 289 21.15 -9.14 -0.87
N ALA A 290 21.15 -8.56 -2.08
CA ALA A 290 22.37 -7.96 -2.72
C ALA A 290 22.04 -6.63 -3.39
N ILE A 291 22.94 -5.66 -3.29
CA ILE A 291 22.75 -4.38 -3.99
C ILE A 291 23.64 -4.39 -5.21
N ASN A 292 23.07 -4.36 -6.40
CA ASN A 292 23.88 -4.57 -7.60
C ASN A 292 23.25 -3.94 -8.84
N MET A 293 23.76 -4.24 -10.02
CA MET A 293 23.21 -3.59 -11.25
C MET A 293 21.73 -3.89 -11.52
N GLN A 294 21.30 -5.06 -11.07
CA GLN A 294 19.89 -5.40 -11.21
C GLN A 294 19.01 -4.34 -10.49
N ASP A 295 19.41 -3.90 -9.30
CA ASP A 295 18.66 -2.84 -8.60
C ASP A 295 18.69 -1.50 -9.35
N ILE A 296 19.86 -1.20 -9.91
CA ILE A 296 20.02 0.03 -10.63
C ILE A 296 19.13 0.04 -11.87
N MET A 297 19.05 -1.09 -12.55
CA MET A 297 18.24 -1.20 -13.76
C MET A 297 16.75 -0.99 -13.43
N ILE A 298 16.34 -1.40 -12.25
CA ILE A 298 14.94 -1.10 -11.82
C ILE A 298 14.70 0.43 -11.69
N VAL A 299 15.64 1.13 -11.01
CA VAL A 299 15.63 2.61 -10.97
C VAL A 299 15.55 3.19 -12.39
N HIS A 300 16.32 2.62 -13.31
CA HIS A 300 16.36 3.13 -14.64
C HIS A 300 15.04 3.04 -15.38
N LYS A 301 14.17 2.10 -15.00
CA LYS A 301 12.84 1.98 -15.63
C LYS A 301 12.11 3.29 -15.80
N HIS A 302 12.24 4.15 -14.80
CA HIS A 302 11.56 5.47 -14.78
C HIS A 302 12.53 6.60 -14.67
N PHE A 303 13.73 6.43 -15.23
CA PHE A 303 14.76 7.48 -15.15
C PHE A 303 14.25 8.81 -15.74
N GLY A 304 14.51 9.90 -15.02
CA GLY A 304 14.15 11.24 -15.46
C GLY A 304 12.69 11.57 -15.12
N ALA A 305 12.00 10.63 -14.43
CA ALA A 305 10.57 10.83 -14.16
C ALA A 305 10.40 11.72 -12.95
N THR A 306 9.27 12.45 -12.89
CA THR A 306 8.92 13.27 -11.75
C THR A 306 7.48 12.82 -11.37
N SER A 307 7.02 13.19 -10.17
CA SER A 307 5.63 12.86 -9.77
C SER A 307 4.55 13.10 -10.82
N SER A 308 4.69 14.17 -11.65
CA SER A 308 3.72 14.51 -12.74
C SER A 308 3.59 13.47 -13.79
N ASP A 309 4.65 12.68 -13.99
CA ASP A 309 4.65 11.67 -15.04
C ASP A 309 3.75 10.48 -14.82
N TYR A 310 3.37 10.24 -13.57
CA TYR A 310 2.37 9.21 -13.30
C TYR A 310 1.08 9.58 -14.11
N SER B 19 22.64 -17.22 -28.48
CA SER B 19 22.81 -16.08 -27.56
C SER B 19 23.91 -16.41 -26.60
N SER B 20 24.88 -15.51 -26.46
CA SER B 20 25.99 -15.83 -25.57
C SER B 20 26.72 -14.60 -25.07
N ILE B 21 27.46 -14.81 -23.99
CA ILE B 21 28.52 -13.91 -23.55
C ILE B 21 29.81 -14.73 -23.53
N GLU B 22 30.87 -14.18 -24.09
CA GLU B 22 32.15 -14.88 -24.16
C GLU B 22 33.32 -14.04 -23.66
N LEU B 23 34.26 -14.69 -22.98
CA LEU B 23 35.57 -14.16 -22.77
C LEU B 23 36.54 -14.97 -23.66
N LYS B 24 37.36 -14.27 -24.46
CA LYS B 24 38.33 -14.95 -25.29
C LYS B 24 39.64 -14.17 -25.36
N PHE B 25 40.73 -14.91 -25.39
CA PHE B 25 42.08 -14.33 -25.42
C PHE B 25 42.66 -14.32 -26.84
N ASP B 26 43.41 -13.26 -27.14
CA ASP B 26 43.98 -13.06 -28.46
C ASP B 26 45.17 -13.99 -28.63
N ARG B 27 45.90 -14.20 -27.54
CA ARG B 27 47.04 -15.11 -27.47
C ARG B 27 46.91 -15.98 -26.21
N ASN B 28 47.25 -17.26 -26.35
CA ASN B 28 47.20 -18.19 -25.22
C ASN B 28 48.58 -18.61 -24.71
N LYS B 29 49.63 -18.02 -25.28
CA LYS B 29 50.99 -18.30 -24.88
C LYS B 29 51.68 -16.99 -24.71
N GLY B 30 52.66 -16.95 -23.80
CA GLY B 30 53.48 -15.80 -23.68
C GLY B 30 54.56 -15.93 -22.65
N GLU B 31 55.44 -14.94 -22.68
CA GLU B 31 56.54 -14.80 -21.72
C GLU B 31 56.16 -13.87 -20.59
N VAL B 32 56.86 -14.00 -19.45
CA VAL B 32 56.70 -13.03 -18.36
C VAL B 32 56.82 -11.63 -18.96
N GLY B 33 55.81 -10.79 -18.68
CA GLY B 33 55.82 -9.42 -19.14
C GLY B 33 54.98 -9.20 -20.38
N ASP B 34 54.58 -10.25 -21.09
CA ASP B 34 53.63 -10.05 -22.18
C ASP B 34 52.25 -9.78 -21.58
N ILE B 35 51.39 -9.19 -22.41
CA ILE B 35 49.99 -8.89 -22.06
C ILE B 35 49.07 -9.64 -23.00
N LEU B 36 48.27 -10.53 -22.41
CA LEU B 36 47.26 -11.26 -23.12
C LEU B 36 45.99 -10.43 -23.06
N ILE B 37 45.33 -10.27 -24.18
CA ILE B 37 44.18 -9.44 -24.24
C ILE B 37 42.94 -10.29 -24.16
N GLY B 38 42.25 -10.18 -23.03
CA GLY B 38 40.96 -10.88 -22.88
C GLY B 38 39.85 -9.94 -23.32
N THR B 39 39.11 -10.35 -24.34
CA THR B 39 37.97 -9.62 -24.82
C THR B 39 36.64 -10.25 -24.37
N VAL B 40 35.83 -9.45 -23.68
CA VAL B 40 34.48 -9.86 -23.30
C VAL B 40 33.49 -9.40 -24.38
N ARG B 41 32.75 -10.34 -24.90
CA ARG B 41 31.93 -10.07 -26.07
C ARG B 41 30.54 -10.62 -25.80
N ILE B 42 29.50 -9.94 -26.24
CA ILE B 42 28.12 -10.47 -26.19
C ILE B 42 27.68 -10.77 -27.62
N ASN B 43 26.89 -11.83 -27.78
CA ASN B 43 26.39 -12.23 -29.09
C ASN B 43 24.88 -12.44 -29.06
N ASN B 44 24.16 -11.70 -29.90
CA ASN B 44 22.70 -11.92 -30.05
C ASN B 44 21.92 -11.90 -28.75
N ILE B 45 22.14 -10.83 -27.99
CA ILE B 45 21.50 -10.63 -26.72
C ILE B 45 20.38 -9.63 -26.99
N LYS B 46 19.14 -10.12 -27.05
CA LYS B 46 17.99 -9.30 -27.41
C LYS B 46 17.76 -8.08 -26.50
N ASN B 47 17.62 -6.89 -27.08
CA ASN B 47 17.17 -5.67 -26.34
C ASN B 47 18.13 -5.25 -25.22
N PHE B 48 19.39 -5.61 -25.44
CA PHE B 48 20.45 -5.44 -24.46
C PHE B 48 20.64 -3.96 -24.09
N ALA B 49 20.72 -3.70 -22.78
CA ALA B 49 20.81 -2.34 -22.30
C ALA B 49 21.82 -2.19 -21.16
N GLY B 50 22.33 -3.30 -20.66
CA GLY B 50 23.22 -3.24 -19.53
C GLY B 50 23.74 -4.57 -19.07
N PHE B 51 24.79 -4.54 -18.25
CA PHE B 51 25.35 -5.80 -17.77
C PHE B 51 26.09 -5.64 -16.45
N GLN B 52 26.35 -6.76 -15.78
CA GLN B 52 27.32 -6.82 -14.70
C GLN B 52 28.01 -8.18 -14.85
N VAL B 53 29.33 -8.23 -14.66
CA VAL B 53 30.05 -9.51 -14.73
C VAL B 53 31.06 -9.59 -13.58
N ASN B 54 31.37 -10.84 -13.17
CA ASN B 54 32.35 -11.11 -12.16
C ASN B 54 33.37 -12.04 -12.81
N ILE B 55 34.64 -11.65 -12.74
CA ILE B 55 35.70 -12.39 -13.46
C ILE B 55 36.79 -12.70 -12.46
N VAL B 56 37.29 -13.94 -12.46
CA VAL B 56 38.32 -14.27 -11.52
C VAL B 56 39.58 -14.79 -12.26
N TYR B 57 40.72 -14.54 -11.68
CA TYR B 57 41.97 -14.95 -12.26
C TYR B 57 42.88 -15.17 -11.07
N ASP B 58 44.06 -15.73 -11.31
CA ASP B 58 45.02 -15.97 -10.24
C ASP B 58 46.04 -14.82 -10.25
N PRO B 59 46.04 -13.98 -9.21
CA PRO B 59 46.83 -12.74 -9.24
C PRO B 59 48.36 -12.95 -9.09
N LYS B 60 48.75 -14.19 -8.82
CA LYS B 60 50.16 -14.59 -8.69
C LYS B 60 50.71 -14.90 -10.05
N VAL B 61 49.82 -15.31 -10.96
CA VAL B 61 50.16 -15.62 -12.34
C VAL B 61 49.90 -14.46 -13.30
N LEU B 62 48.78 -13.74 -13.11
CA LEU B 62 48.35 -12.70 -14.05
C LEU B 62 48.02 -11.42 -13.32
N MET B 63 48.33 -10.29 -13.94
CA MET B 63 47.98 -9.01 -13.37
C MET B 63 47.07 -8.29 -14.35
N ALA B 64 45.89 -7.91 -13.90
CA ALA B 64 44.95 -7.21 -14.77
C ALA B 64 45.53 -5.82 -15.06
N VAL B 65 45.63 -5.50 -16.34
CA VAL B 65 46.20 -4.21 -16.76
C VAL B 65 45.40 -3.65 -17.92
N ASP B 66 45.56 -2.35 -18.18
CA ASP B 66 44.99 -1.79 -19.40
C ASP B 66 45.59 -2.49 -20.61
N PRO B 67 44.74 -2.97 -21.53
CA PRO B 67 45.27 -3.66 -22.71
C PRO B 67 46.20 -2.83 -23.64
N GLU B 68 46.11 -1.49 -23.59
CA GLU B 68 46.91 -0.64 -24.49
C GLU B 68 48.08 0.04 -23.79
N THR B 69 47.91 0.41 -22.53
CA THR B 69 48.97 1.09 -21.77
C THR B 69 49.73 0.21 -20.78
N GLY B 70 49.15 -0.93 -20.41
CA GLY B 70 49.74 -1.80 -19.36
C GLY B 70 49.60 -1.25 -17.95
N LYS B 71 48.77 -0.24 -17.80
CA LYS B 71 48.62 0.38 -16.51
C LYS B 71 47.77 -0.59 -15.68
N GLU B 72 48.21 -0.84 -14.46
CA GLU B 72 47.56 -1.90 -13.68
C GLU B 72 46.19 -1.49 -13.13
N PHE B 73 45.28 -2.45 -13.09
CA PHE B 73 43.95 -2.20 -12.60
C PHE B 73 43.96 -2.03 -11.11
N THR B 74 43.13 -1.12 -10.62
CA THR B 74 42.90 -0.98 -9.19
C THR B 74 41.43 -1.35 -8.93
N SER B 75 41.01 -1.20 -7.67
CA SER B 75 39.61 -1.43 -7.29
C SER B 75 38.56 -0.73 -8.17
N SER B 76 38.91 0.44 -8.73
CA SER B 76 37.94 1.32 -9.41
C SER B 76 38.11 1.29 -10.92
N THR B 77 39.04 0.47 -11.43
CA THR B 77 39.28 0.50 -12.88
C THR B 77 38.19 -0.16 -13.70
N PHE B 78 37.52 0.64 -14.54
CA PHE B 78 36.53 0.08 -15.48
C PHE B 78 37.20 -0.28 -16.82
N PRO B 79 37.04 -1.52 -17.30
CA PRO B 79 37.77 -1.95 -18.48
C PRO B 79 37.39 -1.12 -19.71
N PRO B 80 38.39 -0.72 -20.51
CA PRO B 80 38.09 0.01 -21.73
C PRO B 80 37.63 -0.94 -22.85
N GLY B 81 37.30 -0.34 -24.00
CA GLY B 81 37.18 -1.06 -25.23
C GLY B 81 35.82 -1.51 -25.69
N ARG B 82 34.74 -1.16 -24.99
CA ARG B 82 33.41 -1.62 -25.43
C ARG B 82 33.02 -0.94 -26.74
N THR B 83 32.20 -1.63 -27.51
CA THR B 83 31.72 -1.11 -28.79
C THR B 83 30.20 -0.99 -28.73
N VAL B 84 29.66 -1.20 -27.54
CA VAL B 84 28.20 -1.12 -27.36
C VAL B 84 27.90 -0.21 -26.18
N LEU B 85 26.64 0.22 -26.11
CA LEU B 85 26.16 1.15 -25.09
C LEU B 85 27.04 2.39 -25.00
N LYS B 86 27.27 2.98 -26.17
CA LYS B 86 28.22 4.06 -26.27
C LYS B 86 27.61 5.40 -26.63
N ASN B 87 26.28 5.42 -26.70
CA ASN B 87 25.56 6.68 -26.98
C ASN B 87 25.24 7.44 -25.69
N ASN B 88 26.00 8.51 -25.45
CA ASN B 88 25.82 9.35 -24.27
C ASN B 88 24.39 9.94 -24.14
N ALA B 89 23.61 10.00 -25.23
CA ALA B 89 22.19 10.37 -25.16
C ALA B 89 21.36 9.53 -24.16
N TYR B 90 21.73 8.27 -24.02
CA TYR B 90 21.02 7.36 -23.14
C TYR B 90 21.69 7.21 -21.76
N GLY B 91 22.70 8.03 -21.50
CA GLY B 91 23.36 8.10 -20.20
C GLY B 91 23.93 6.77 -19.69
N PRO B 92 24.99 6.26 -20.35
CA PRO B 92 25.66 5.06 -19.82
C PRO B 92 26.30 5.39 -18.48
N ILE B 93 26.15 4.47 -17.52
CA ILE B 93 26.73 4.65 -16.20
C ILE B 93 27.61 3.41 -16.04
N GLN B 94 28.89 3.58 -15.67
CA GLN B 94 29.83 2.41 -15.54
C GLN B 94 30.30 2.35 -14.11
N ILE B 95 30.47 1.13 -13.60
CA ILE B 95 30.81 0.98 -12.20
C ILE B 95 31.90 -0.11 -12.17
N ALA B 96 32.94 0.08 -11.37
CA ALA B 96 33.90 -1.03 -11.18
C ALA B 96 34.11 -1.21 -9.70
N ASP B 97 34.21 -2.48 -9.32
CA ASP B 97 34.39 -2.84 -7.93
C ASP B 97 35.27 -4.10 -7.95
N ASN B 98 36.51 -3.93 -8.40
CA ASN B 98 37.51 -5.02 -8.46
C ASN B 98 38.22 -5.29 -7.14
N ASP B 99 38.78 -6.48 -7.04
CA ASP B 99 39.70 -6.77 -5.95
C ASP B 99 40.95 -7.42 -6.59
N PRO B 100 41.82 -6.60 -7.20
CA PRO B 100 42.93 -7.23 -7.93
C PRO B 100 43.81 -8.11 -7.05
N GLU B 101 44.00 -7.73 -5.79
CA GLU B 101 44.83 -8.48 -4.85
C GLU B 101 44.31 -9.91 -4.71
N LYS B 102 42.98 -10.06 -4.77
CA LYS B 102 42.32 -11.35 -4.68
C LYS B 102 41.93 -11.93 -6.05
N GLY B 103 42.45 -11.36 -7.13
CA GLY B 103 42.15 -11.81 -8.48
C GLY B 103 40.69 -11.69 -8.90
N ILE B 104 40.04 -10.59 -8.55
CA ILE B 104 38.61 -10.47 -8.91
C ILE B 104 38.38 -9.16 -9.72
N LEU B 105 37.72 -9.27 -10.86
CA LEU B 105 37.21 -8.09 -11.54
C LEU B 105 35.70 -8.17 -11.43
N ASN B 106 35.12 -7.06 -11.04
CA ASN B 106 33.64 -6.98 -11.05
C ASN B 106 33.23 -5.61 -11.54
N PHE B 107 32.54 -5.57 -12.68
CA PHE B 107 32.19 -4.28 -13.29
C PHE B 107 30.84 -4.38 -14.01
N ALA B 108 30.25 -3.23 -14.30
CA ALA B 108 28.86 -3.18 -14.71
C ALA B 108 28.70 -1.87 -15.44
N LEU B 109 27.85 -1.89 -16.47
CA LEU B 109 27.57 -0.70 -17.23
C LEU B 109 26.18 -0.80 -17.79
N ALA B 110 25.43 0.31 -17.79
CA ALA B 110 24.11 0.30 -18.37
C ALA B 110 23.69 1.68 -18.79
N TYR B 111 22.76 1.74 -19.75
CA TYR B 111 22.15 3.02 -20.07
C TYR B 111 21.20 3.32 -18.96
N SER B 112 21.10 4.58 -18.56
CA SER B 112 20.07 5.01 -17.60
C SER B 112 18.74 5.37 -18.30
N TYR B 113 18.78 5.98 -19.49
CA TYR B 113 17.53 6.38 -20.14
C TYR B 113 17.10 5.24 -21.05
N ILE B 114 16.74 4.10 -20.46
CA ILE B 114 16.43 2.91 -21.26
C ILE B 114 15.12 3.08 -22.06
N ALA B 115 14.20 3.87 -21.52
CA ALA B 115 12.92 4.15 -22.15
C ALA B 115 13.14 4.96 -23.44
N GLY B 116 14.06 5.92 -23.41
CA GLY B 116 14.55 6.57 -24.64
C GLY B 116 15.27 5.67 -25.64
N TYR B 117 16.11 4.76 -25.17
CA TYR B 117 16.79 3.79 -26.03
C TYR B 117 15.77 2.86 -26.69
N LYS B 118 14.78 2.42 -25.91
CA LYS B 118 13.71 1.54 -26.39
C LYS B 118 12.89 2.17 -27.50
N GLU B 119 12.51 3.45 -27.29
CA GLU B 119 11.79 4.28 -28.26
C GLU B 119 12.49 4.41 -29.60
N THR B 120 13.83 4.52 -29.58
CA THR B 120 14.66 4.44 -30.81
C THR B 120 14.45 3.11 -31.59
N GLY B 121 14.22 2.02 -30.85
CA GLY B 121 13.86 0.73 -31.43
C GLY B 121 14.97 -0.08 -32.07
N VAL B 122 16.22 0.41 -31.96
CA VAL B 122 17.37 -0.35 -32.47
C VAL B 122 18.21 -0.83 -31.30
N ALA B 123 18.10 -2.12 -30.97
CA ALA B 123 18.89 -2.68 -29.88
C ALA B 123 20.31 -3.08 -30.32
N GLU B 124 21.29 -2.77 -29.51
CA GLU B 124 22.64 -3.25 -29.75
C GLU B 124 22.90 -4.63 -29.14
N GLU B 125 22.71 -5.66 -29.95
CA GLU B 125 22.60 -7.02 -29.43
C GLU B 125 23.92 -7.83 -29.49
N SER B 126 24.89 -7.32 -30.24
CA SER B 126 26.22 -7.96 -30.30
C SER B 126 27.30 -6.90 -30.25
N GLY B 127 28.39 -7.21 -29.56
CA GLY B 127 29.49 -6.28 -29.51
C GLY B 127 30.47 -6.60 -28.42
N ILE B 128 31.47 -5.76 -28.29
CA ILE B 128 32.46 -5.91 -27.23
C ILE B 128 31.99 -5.11 -26.03
N ILE B 129 32.09 -5.73 -24.86
CA ILE B 129 31.76 -5.01 -23.66
C ILE B 129 32.96 -4.67 -22.81
N ALA B 130 34.08 -5.39 -22.95
CA ALA B 130 35.29 -5.04 -22.22
C ALA B 130 36.53 -5.63 -22.90
N LYS B 131 37.65 -4.93 -22.82
CA LYS B 131 38.93 -5.53 -23.14
C LYS B 131 39.77 -5.42 -21.92
N ILE B 132 40.36 -6.54 -21.53
CA ILE B 132 41.16 -6.58 -20.31
C ILE B 132 42.51 -7.23 -20.63
N GLY B 133 43.60 -6.56 -20.28
CA GLY B 133 44.92 -7.13 -20.44
C GLY B 133 45.26 -7.88 -19.18
N PHE B 134 45.93 -9.02 -19.36
CA PHE B 134 46.50 -9.73 -18.23
C PHE B 134 48.01 -9.88 -18.44
N LYS B 135 48.78 -9.19 -17.62
CA LYS B 135 50.24 -9.21 -17.75
C LYS B 135 50.77 -10.51 -17.12
N ILE B 136 51.61 -11.23 -17.85
CA ILE B 136 52.10 -12.54 -17.35
C ILE B 136 53.14 -12.32 -16.26
N LEU B 137 52.88 -12.90 -15.11
CA LEU B 137 53.80 -12.75 -13.97
C LEU B 137 54.67 -14.02 -13.80
N GLN B 138 54.12 -15.13 -14.32
CA GLN B 138 54.70 -16.47 -14.26
C GLN B 138 54.18 -17.26 -15.44
N LYS B 139 55.06 -18.03 -16.09
CA LYS B 139 54.60 -18.94 -17.13
C LYS B 139 54.09 -20.22 -16.48
N LYS B 140 52.97 -20.09 -15.76
CA LYS B 140 52.34 -21.19 -15.05
C LYS B 140 50.96 -21.39 -15.67
N SER B 141 50.50 -22.65 -15.79
CA SER B 141 49.17 -22.95 -16.34
C SER B 141 48.12 -22.23 -15.48
N THR B 142 47.15 -21.58 -16.12
CA THR B 142 46.19 -20.71 -15.40
C THR B 142 44.86 -20.49 -16.14
N ALA B 143 43.83 -20.20 -15.36
CA ALA B 143 42.47 -20.04 -15.91
C ALA B 143 41.95 -18.67 -15.48
N VAL B 144 41.23 -18.01 -16.39
CA VAL B 144 40.50 -16.76 -16.13
C VAL B 144 39.06 -17.17 -16.46
N LYS B 145 38.10 -16.80 -15.63
CA LYS B 145 36.72 -17.22 -15.89
C LYS B 145 35.67 -16.31 -15.23
N PHE B 146 34.52 -16.24 -15.88
CA PHE B 146 33.32 -15.65 -15.26
C PHE B 146 33.02 -16.61 -14.14
N GLN B 147 32.77 -16.07 -12.95
CA GLN B 147 32.50 -16.90 -11.78
C GLN B 147 31.40 -16.25 -10.92
N ASP B 148 30.48 -17.07 -10.41
CA ASP B 148 29.41 -16.57 -9.51
C ASP B 148 29.98 -15.95 -8.27
N THR B 149 29.25 -15.00 -7.69
CA THR B 149 29.71 -14.37 -6.46
C THR B 149 28.48 -13.95 -5.63
N LEU B 150 28.67 -13.81 -4.32
CA LEU B 150 27.53 -13.68 -3.41
C LEU B 150 26.61 -12.47 -3.80
N SER B 151 27.26 -11.41 -4.24
CA SER B 151 26.59 -10.14 -4.61
C SER B 151 25.82 -10.19 -5.91
N MET B 152 25.84 -11.33 -6.58
CA MET B 152 25.01 -11.44 -7.79
C MET B 152 24.11 -12.68 -7.76
N PRO B 153 23.11 -12.70 -6.86
CA PRO B 153 22.22 -13.86 -6.83
C PRO B 153 21.42 -13.92 -8.11
N GLY B 154 21.22 -15.13 -8.63
CA GLY B 154 20.52 -15.36 -9.89
C GLY B 154 21.35 -15.12 -11.16
N ALA B 155 22.64 -14.77 -11.01
CA ALA B 155 23.51 -14.58 -12.18
C ALA B 155 23.75 -15.91 -12.92
N ILE B 156 24.13 -15.83 -14.19
CA ILE B 156 24.50 -17.01 -14.99
C ILE B 156 26.02 -17.03 -15.03
N SER B 157 26.63 -17.94 -14.25
CA SER B 157 28.09 -18.01 -14.02
C SER B 157 28.72 -16.62 -13.84
N GLY B 158 28.12 -15.77 -13.01
CA GLY B 158 28.77 -14.54 -12.66
C GLY B 158 28.50 -13.46 -13.67
N THR B 159 27.53 -13.67 -14.56
CA THR B 159 27.11 -12.70 -15.53
C THR B 159 25.62 -12.36 -15.39
N GLN B 160 25.32 -11.07 -15.47
CA GLN B 160 23.91 -10.64 -15.52
C GLN B 160 23.78 -9.66 -16.65
N LEU B 161 22.83 -9.90 -17.52
CA LEU B 161 22.56 -9.08 -18.67
C LEU B 161 21.14 -8.56 -18.54
N PHE B 162 20.93 -7.32 -18.99
CA PHE B 162 19.68 -6.60 -18.78
C PHE B 162 19.21 -6.04 -20.09
N ASP B 163 17.87 -6.05 -20.23
CA ASP B 163 17.21 -5.46 -21.39
C ASP B 163 16.74 -4.00 -21.20
N TRP B 164 16.21 -3.40 -22.28
CA TRP B 164 15.79 -1.99 -22.25
C TRP B 164 14.47 -1.77 -21.55
N ASP B 165 13.93 -2.86 -21.00
CA ASP B 165 12.82 -2.77 -20.05
C ASP B 165 13.34 -2.80 -18.63
N GLY B 166 14.66 -2.95 -18.43
CA GLY B 166 15.25 -3.01 -17.07
C GLY B 166 15.12 -4.39 -16.44
N GLU B 167 14.75 -5.38 -17.25
CA GLU B 167 14.58 -6.78 -16.77
C GLU B 167 15.84 -7.63 -17.05
N VAL B 168 16.11 -8.61 -16.19
CA VAL B 168 17.14 -9.59 -16.43
C VAL B 168 16.85 -10.38 -17.69
N ILE B 169 17.91 -10.57 -18.50
CA ILE B 169 17.83 -11.46 -19.67
C ILE B 169 18.29 -12.84 -19.25
N THR B 170 17.61 -13.88 -19.73
CA THR B 170 18.05 -15.26 -19.42
C THR B 170 18.29 -16.07 -20.69
N GLY B 171 18.73 -17.31 -20.55
CA GLY B 171 18.73 -18.25 -21.68
C GLY B 171 19.86 -18.12 -22.69
N TYR B 172 20.96 -17.45 -22.29
CA TYR B 172 22.16 -17.30 -23.13
C TYR B 172 23.26 -18.20 -22.57
N GLU B 173 24.24 -18.53 -23.41
CA GLU B 173 25.41 -19.31 -22.98
C GLU B 173 26.54 -18.39 -22.44
N VAL B 174 27.26 -18.86 -21.44
CA VAL B 174 28.47 -18.18 -20.95
C VAL B 174 29.61 -19.06 -21.50
N ILE B 175 30.38 -18.49 -22.44
CA ILE B 175 31.50 -19.20 -23.08
C ILE B 175 32.82 -18.86 -22.36
N GLN B 176 33.31 -19.78 -21.55
CA GLN B 176 34.55 -19.58 -20.84
C GLN B 176 35.73 -19.84 -21.79
N PRO B 177 36.84 -19.08 -21.63
CA PRO B 177 38.08 -19.32 -22.37
C PRO B 177 38.75 -20.61 -21.90
N ASP B 178 39.50 -21.25 -22.81
CA ASP B 178 40.24 -22.45 -22.43
C ASP B 178 41.35 -22.12 -21.45
N VAL B 179 41.86 -23.13 -20.76
CA VAL B 179 42.99 -22.89 -19.89
C VAL B 179 44.10 -22.22 -20.71
N LEU B 180 44.78 -21.30 -20.03
CA LEU B 180 45.96 -20.65 -20.54
C LEU B 180 47.14 -21.47 -20.06
N SER B 181 47.60 -22.33 -20.97
CA SER B 181 48.77 -23.18 -20.76
C SER B 181 50.00 -22.54 -21.41
#